data_6MIH
#
_entry.id   6MIH
#
_cell.length_a   55.191
_cell.length_b   146.242
_cell.length_c   46.856
_cell.angle_alpha   90.000
_cell.angle_beta   90.000
_cell.angle_gamma   90.000
#
_symmetry.space_group_name_H-M   'P 21 21 2'
#
loop_
_entity.id
_entity.type
_entity.pdbx_description
1 polymer 'N-terminal fragment of MMLV reverse transcriptase'
2 polymer "DNA (5'-D(*CP*TP*TP*AP*(1WA)P*CP*(DB)P*T)-3')"
3 polymer "DNA (5'-D(P*AP*(DS)P*GP*(1W5)P*TP*AP*AP*G)-3')"
4 water water
#
loop_
_entity_poly.entity_id
_entity_poly.type
_entity_poly.pdbx_seq_one_letter_code
_entity_poly.pdbx_strand_id
1 'polypeptide(L)'
;GSHMTWLSDFPQAWAETGGMGLAVRQAPLIIPLKATSTPVSIKQYPMSQEARLGIKPHIQRLLDQGILVPCQSPWNTPLL
PVKKPGTNDYRPVQDLREVNKRVEDIHPTVPNPYNLLSGLPPSHQWYTVLDLKDAFFCLRLHPTSQPLFAFEWRDPEMGI
SGQLTWTRLPQGFKNSPTLFDEALHRDLADFRIQHPDLILLQYVDDLLLAATSELDCQQGTRALLQTLGNLGYRASAKKA
QICQKQVKYLGYLLKEGQR
;
A
2 'polydeoxyribonucleotide' (DC)(DT)(DT)(DA)(1WA)(DC)(IGU)(DT) B
3 'polydeoxyribonucleotide' (DA)(JSP)(DG)(1W5)(DT)(DA)(DA)(DG) G
#
# COMPACT_ATOMS: atom_id res chain seq x y z
N THR A 5 26.10 7.04 0.30
CA THR A 5 24.83 7.62 0.73
C THR A 5 23.76 6.54 0.89
N TRP A 6 22.69 6.88 1.63
CA TRP A 6 21.60 5.93 1.81
C TRP A 6 20.95 5.57 0.48
N LEU A 7 20.93 6.49 -0.47
CA LEU A 7 20.37 6.24 -1.79
C LEU A 7 21.11 5.13 -2.52
N SER A 8 22.39 5.36 -2.83
CA SER A 8 23.15 4.40 -3.62
C SER A 8 23.43 3.12 -2.86
N ASP A 9 23.39 3.15 -1.53
CA ASP A 9 23.67 1.96 -0.72
C ASP A 9 22.55 0.92 -0.80
N PHE A 10 21.32 1.32 -1.09
CA PHE A 10 20.17 0.41 -1.09
C PHE A 10 19.28 0.72 -2.28
N PRO A 11 19.76 0.46 -3.49
CA PRO A 11 18.97 0.84 -4.68
C PRO A 11 17.66 0.11 -4.77
N GLN A 12 17.62 -1.14 -4.32
CA GLN A 12 16.40 -1.94 -4.37
C GLN A 12 15.33 -1.47 -3.37
N ALA A 13 15.75 -0.87 -2.25
CA ALA A 13 14.81 -0.55 -1.18
C ALA A 13 14.01 0.73 -1.45
N TRP A 14 14.53 1.67 -2.24
CA TRP A 14 13.85 2.94 -2.44
C TRP A 14 12.96 2.92 -3.68
N ALA A 15 11.76 3.52 -3.56
CA ALA A 15 10.86 3.58 -4.69
C ALA A 15 11.50 4.34 -5.86
N GLU A 16 12.36 5.30 -5.54
CA GLU A 16 12.99 6.15 -6.54
C GLU A 16 13.90 5.37 -7.48
N THR A 17 14.45 4.25 -7.02
CA THR A 17 15.46 3.54 -7.77
C THR A 17 15.18 2.05 -7.97
N GLY A 18 14.19 1.48 -7.27
CA GLY A 18 14.03 0.05 -7.29
C GLY A 18 12.87 -0.48 -8.11
N GLY A 19 12.14 0.41 -8.77
CA GLY A 19 10.96 0.01 -9.52
C GLY A 19 9.77 -0.21 -8.60
N MET A 20 8.61 -0.43 -9.22
CA MET A 20 7.39 -0.72 -8.49
C MET A 20 7.59 -2.01 -7.68
N GLY A 21 7.09 -2.02 -6.45
CA GLY A 21 7.21 -3.19 -5.62
C GLY A 21 6.31 -4.34 -6.02
N LEU A 22 6.56 -5.47 -5.35
CA LEU A 22 5.79 -6.70 -5.48
C LEU A 22 6.27 -7.59 -4.35
N ALA A 23 5.38 -7.93 -3.42
CA ALA A 23 5.73 -8.70 -2.22
C ALA A 23 5.84 -10.18 -2.62
N VAL A 24 7.07 -10.60 -2.94
CA VAL A 24 7.26 -11.89 -3.59
C VAL A 24 7.00 -13.07 -2.67
N ARG A 25 7.01 -12.88 -1.35
CA ARG A 25 6.76 -13.99 -0.43
C ARG A 25 5.29 -14.17 -0.10
N GLN A 26 4.43 -13.25 -0.53
CA GLN A 26 3.04 -13.27 -0.14
C GLN A 26 2.19 -13.89 -1.25
N ALA A 27 1.44 -14.93 -0.90
CA ALA A 27 0.58 -15.55 -1.88
C ALA A 27 -0.48 -14.57 -2.35
N PRO A 28 -0.87 -14.61 -3.62
CA PRO A 28 -1.97 -13.78 -4.11
C PRO A 28 -3.20 -13.93 -3.23
N LEU A 29 -3.83 -12.80 -2.92
CA LEU A 29 -4.90 -12.76 -1.92
C LEU A 29 -6.23 -13.19 -2.53
N ILE A 30 -6.94 -14.09 -1.83
CA ILE A 30 -8.31 -14.44 -2.16
C ILE A 30 -9.22 -13.64 -1.25
N ILE A 31 -10.24 -13.01 -1.83
CA ILE A 31 -11.16 -12.13 -1.11
C ILE A 31 -12.51 -12.83 -0.93
N PRO A 32 -12.82 -13.39 0.23
CA PRO A 32 -14.09 -14.11 0.37
C PRO A 32 -15.29 -13.17 0.40
N LEU A 33 -16.34 -13.58 -0.31
CA LEU A 33 -17.58 -12.82 -0.32
C LEU A 33 -18.48 -13.26 0.83
N LYS A 34 -19.40 -12.37 1.21
CA LYS A 34 -20.45 -12.79 2.13
C LYS A 34 -21.28 -13.91 1.51
N ALA A 35 -21.91 -14.68 2.39
CA ALA A 35 -22.59 -15.91 1.98
C ALA A 35 -23.68 -15.67 0.97
N THR A 36 -24.32 -14.50 1.00
CA THR A 36 -25.46 -14.25 0.10
C THR A 36 -25.11 -13.36 -1.10
N SER A 37 -23.86 -12.94 -1.26
CA SER A 37 -23.58 -11.93 -2.27
C SER A 37 -23.69 -12.45 -3.70
N THR A 38 -24.16 -11.60 -4.61
CA THR A 38 -24.04 -11.80 -6.04
C THR A 38 -23.41 -10.55 -6.65
N PRO A 39 -22.87 -10.65 -7.87
CA PRO A 39 -22.21 -9.48 -8.46
C PRO A 39 -23.16 -8.30 -8.64
N VAL A 40 -22.56 -7.11 -8.54
CA VAL A 40 -23.26 -5.87 -8.81
C VAL A 40 -22.52 -5.16 -9.93
N SER A 41 -23.27 -4.65 -10.91
CA SER A 41 -22.70 -3.94 -12.04
C SER A 41 -23.34 -2.56 -12.08
N ILE A 42 -22.56 -1.55 -11.72
CA ILE A 42 -23.02 -0.16 -11.68
C ILE A 42 -22.49 0.52 -12.93
N LYS A 43 -23.34 1.22 -13.67
CA LYS A 43 -22.86 1.81 -14.90
C LYS A 43 -22.03 3.05 -14.60
N GLN A 44 -21.04 3.28 -15.45
CA GLN A 44 -20.11 4.39 -15.28
C GLN A 44 -20.81 5.71 -15.60
N TYR A 45 -20.82 6.63 -14.65
CA TYR A 45 -21.36 7.96 -14.91
C TYR A 45 -20.50 8.65 -15.96
N PRO A 46 -21.10 9.26 -16.98
CA PRO A 46 -20.28 9.85 -18.05
C PRO A 46 -19.26 10.81 -17.50
N MET A 47 -18.07 10.76 -18.08
CA MET A 47 -16.94 11.55 -17.63
C MET A 47 -16.63 12.61 -18.67
N SER A 48 -16.35 13.83 -18.20
CA SER A 48 -15.97 14.90 -19.11
C SER A 48 -14.66 14.56 -19.81
N GLN A 49 -14.44 15.18 -20.97
CA GLN A 49 -13.16 14.96 -21.64
C GLN A 49 -12.00 15.42 -20.77
N GLU A 50 -12.18 16.53 -20.05
CA GLU A 50 -11.11 17.06 -19.22
C GLU A 50 -10.72 16.05 -18.15
N ALA A 51 -11.72 15.43 -17.53
CA ALA A 51 -11.43 14.42 -16.52
C ALA A 51 -10.77 13.19 -17.14
N ARG A 52 -11.32 12.71 -18.25
CA ARG A 52 -10.75 11.56 -18.95
C ARG A 52 -9.29 11.82 -19.33
N LEU A 53 -9.00 12.99 -19.87
CA LEU A 53 -7.61 13.29 -20.24
C LEU A 53 -6.72 13.39 -19.01
N GLY A 54 -7.27 13.83 -17.88
CA GLY A 54 -6.49 13.91 -16.67
C GLY A 54 -6.16 12.54 -16.11
N ILE A 55 -7.11 11.62 -16.19
CA ILE A 55 -6.97 10.27 -15.62
C ILE A 55 -6.11 9.39 -16.51
N LYS A 56 -6.18 9.60 -17.83
CA LYS A 56 -5.64 8.67 -18.82
C LYS A 56 -4.17 8.29 -18.58
N PRO A 57 -3.25 9.22 -18.33
CA PRO A 57 -1.85 8.81 -18.17
C PRO A 57 -1.64 7.89 -16.99
N HIS A 58 -2.44 8.05 -15.93
CA HIS A 58 -2.38 7.16 -14.77
C HIS A 58 -2.83 5.74 -15.12
N ILE A 59 -3.96 5.64 -15.82
CA ILE A 59 -4.43 4.34 -16.29
C ILE A 59 -3.38 3.67 -17.16
N GLN A 60 -2.79 4.43 -18.10
CA GLN A 60 -1.79 3.86 -18.99
C GLN A 60 -0.58 3.33 -18.23
N ARG A 61 -0.11 4.10 -17.24
CA ARG A 61 1.04 3.67 -16.46
C ARG A 61 0.73 2.39 -15.71
N LEU A 62 -0.46 2.31 -15.11
CA LEU A 62 -0.85 1.10 -14.38
C LEU A 62 -1.00 -0.10 -15.32
N LEU A 63 -1.50 0.12 -16.53
CA LEU A 63 -1.52 -0.95 -17.53
C LEU A 63 -0.10 -1.41 -17.85
N ASP A 64 0.80 -0.45 -18.12
CA ASP A 64 2.18 -0.81 -18.44
C ASP A 64 2.84 -1.60 -17.32
N GLN A 65 2.51 -1.26 -16.07
CA GLN A 65 3.05 -1.95 -14.90
C GLN A 65 2.36 -3.28 -14.62
N GLY A 66 1.31 -3.63 -15.37
CA GLY A 66 0.58 -4.85 -15.14
C GLY A 66 -0.33 -4.80 -13.92
N ILE A 67 -0.50 -3.62 -13.34
CA ILE A 67 -1.34 -3.46 -12.15
C ILE A 67 -2.81 -3.42 -12.55
N LEU A 68 -3.11 -2.87 -13.72
CA LEU A 68 -4.40 -3.02 -14.36
C LEU A 68 -4.29 -3.98 -15.55
N VAL A 69 -5.34 -4.78 -15.77
CA VAL A 69 -5.44 -5.63 -16.95
C VAL A 69 -6.86 -5.55 -17.49
N PRO A 70 -7.01 -5.76 -18.79
CA PRO A 70 -8.37 -5.87 -19.35
C PRO A 70 -9.09 -7.07 -18.78
N CYS A 71 -10.41 -6.98 -18.73
CA CYS A 71 -11.21 -8.10 -18.28
CA CYS A 71 -11.23 -8.05 -18.20
C CYS A 71 -12.65 -7.90 -18.72
N GLN A 72 -13.43 -8.98 -18.56
CA GLN A 72 -14.87 -8.99 -18.73
C GLN A 72 -15.43 -9.54 -17.43
N SER A 73 -16.14 -8.70 -16.68
CA SER A 73 -16.57 -9.09 -15.36
C SER A 73 -18.03 -8.75 -15.13
N PRO A 74 -18.76 -9.59 -14.39
CA PRO A 74 -20.14 -9.23 -14.00
C PRO A 74 -20.18 -8.20 -12.91
N TRP A 75 -19.03 -7.85 -12.32
CA TRP A 75 -18.90 -6.76 -11.39
C TRP A 75 -18.47 -5.51 -12.13
N ASN A 76 -19.01 -4.37 -11.70
CA ASN A 76 -18.51 -3.10 -12.21
C ASN A 76 -18.85 -2.01 -11.20
N THR A 77 -17.87 -1.18 -10.89
CA THR A 77 -18.09 -0.03 -10.04
C THR A 77 -17.52 1.21 -10.71
N PRO A 78 -18.02 2.38 -10.37
CA PRO A 78 -17.65 3.57 -11.15
C PRO A 78 -16.34 4.20 -10.71
N LEU A 79 -15.70 4.85 -11.68
CA LEU A 79 -14.60 5.77 -11.43
C LEU A 79 -15.15 7.17 -11.28
N LEU A 80 -14.59 7.91 -10.34
N LEU A 80 -14.62 7.93 -10.33
CA LEU A 80 -14.80 9.34 -10.32
CA LEU A 80 -15.18 9.26 -10.05
C LEU A 80 -13.47 10.05 -10.49
C LEU A 80 -14.97 10.18 -11.26
N PRO A 81 -13.48 11.19 -11.12
N PRO A 81 -16.00 10.92 -11.68
CA PRO A 81 -12.26 11.99 -11.20
CA PRO A 81 -15.87 11.74 -12.89
C PRO A 81 -12.18 12.94 -10.02
C PRO A 81 -15.32 13.13 -12.66
N VAL A 82 -11.04 12.97 -9.36
N VAL A 82 -15.10 13.55 -11.42
CA VAL A 82 -10.86 13.86 -8.22
CA VAL A 82 -14.53 14.85 -11.15
C VAL A 82 -9.70 14.80 -8.49
C VAL A 82 -13.10 14.69 -10.64
N TYR A 90 -6.08 15.74 -11.45
CA TYR A 90 -6.97 14.60 -11.66
C TYR A 90 -6.29 13.26 -11.41
N ARG A 91 -6.93 12.40 -10.64
CA ARG A 91 -6.46 11.03 -10.45
C ARG A 91 -7.68 10.15 -10.26
N PRO A 92 -7.65 8.90 -10.73
CA PRO A 92 -8.85 8.06 -10.66
C PRO A 92 -9.09 7.59 -9.23
N VAL A 93 -10.33 7.73 -8.78
CA VAL A 93 -10.80 7.19 -7.51
C VAL A 93 -12.00 6.30 -7.80
N GLN A 94 -11.91 5.04 -7.39
CA GLN A 94 -12.99 4.09 -7.65
C GLN A 94 -13.95 4.06 -6.47
N ASP A 95 -15.25 4.13 -6.74
CA ASP A 95 -16.25 3.99 -5.66
C ASP A 95 -16.54 2.50 -5.47
N LEU A 96 -15.86 1.90 -4.49
CA LEU A 96 -15.98 0.46 -4.24
C LEU A 96 -17.00 0.15 -3.13
N ARG A 97 -17.85 1.10 -2.76
CA ARG A 97 -18.73 0.85 -1.63
C ARG A 97 -19.66 -0.35 -1.86
N GLU A 98 -20.15 -0.55 -3.09
CA GLU A 98 -21.07 -1.66 -3.31
C GLU A 98 -20.36 -3.00 -3.32
N VAL A 99 -19.07 -3.01 -3.69
CA VAL A 99 -18.24 -4.21 -3.52
C VAL A 99 -17.98 -4.46 -2.04
N ASN A 100 -17.59 -3.40 -1.32
CA ASN A 100 -17.29 -3.53 0.11
C ASN A 100 -18.45 -4.16 0.87
N LYS A 101 -19.69 -3.76 0.54
CA LYS A 101 -20.88 -4.31 1.20
C LYS A 101 -21.02 -5.80 0.98
N ARG A 102 -20.48 -6.33 -0.11
CA ARG A 102 -20.67 -7.73 -0.46
C ARG A 102 -19.49 -8.61 -0.05
N VAL A 103 -18.43 -8.02 0.49
CA VAL A 103 -17.23 -8.76 0.88
C VAL A 103 -17.31 -9.08 2.36
N GLU A 104 -16.94 -10.31 2.73
CA GLU A 104 -17.03 -10.73 4.13
C GLU A 104 -16.13 -9.88 5.02
N ASP A 105 -16.65 -9.52 6.19
CA ASP A 105 -15.89 -8.71 7.14
C ASP A 105 -14.71 -9.51 7.71
N ILE A 106 -13.62 -8.80 8.00
CA ILE A 106 -12.52 -9.39 8.77
C ILE A 106 -12.31 -8.54 10.02
N HIS A 107 -11.68 -9.15 11.02
CA HIS A 107 -11.43 -8.43 12.27
C HIS A 107 -10.41 -7.34 12.02
N PRO A 108 -10.66 -6.10 12.46
CA PRO A 108 -9.67 -5.03 12.24
C PRO A 108 -8.51 -5.16 13.22
N THR A 109 -7.30 -5.42 12.71
CA THR A 109 -6.15 -5.66 13.55
C THR A 109 -5.10 -4.55 13.52
N VAL A 110 -5.32 -3.51 12.72
CA VAL A 110 -4.42 -2.36 12.72
C VAL A 110 -4.61 -1.63 14.05
N PRO A 111 -3.59 -1.45 14.86
CA PRO A 111 -3.75 -0.75 16.14
C PRO A 111 -3.98 0.73 15.90
N ASN A 112 -4.69 1.40 16.84
CA ASN A 112 -4.75 2.85 16.65
C ASN A 112 -3.44 3.49 17.05
N PRO A 113 -3.09 4.62 16.41
CA PRO A 113 -1.78 5.24 16.65
C PRO A 113 -1.47 5.50 18.11
N TYR A 114 -2.46 5.93 18.89
CA TYR A 114 -2.22 6.20 20.31
C TYR A 114 -1.67 4.95 20.99
N ASN A 115 -2.37 3.82 20.83
CA ASN A 115 -1.91 2.58 21.44
C ASN A 115 -0.59 2.13 20.84
N LEU A 116 -0.43 2.23 19.51
CA LEU A 116 0.82 1.81 18.91
C LEU A 116 2.01 2.55 19.52
N LEU A 117 1.85 3.85 19.77
CA LEU A 117 2.98 4.63 20.27
C LEU A 117 3.31 4.31 21.73
N SER A 118 2.38 3.70 22.47
CA SER A 118 2.66 3.28 23.83
C SER A 118 3.81 2.26 23.89
N GLY A 119 4.08 1.55 22.79
CA GLY A 119 5.16 0.61 22.75
C GLY A 119 6.53 1.19 22.50
N LEU A 120 6.67 2.51 22.57
CA LEU A 120 7.94 3.18 22.34
C LEU A 120 8.57 3.54 23.69
N PRO A 121 9.57 2.80 24.17
CA PRO A 121 10.15 3.09 25.48
C PRO A 121 11.07 4.29 25.43
N PRO A 122 11.34 4.92 26.58
CA PRO A 122 12.27 6.07 26.59
C PRO A 122 13.72 5.68 26.33
N SER A 123 14.08 4.40 26.46
CA SER A 123 15.44 3.96 26.20
C SER A 123 15.83 4.01 24.74
N HIS A 124 14.87 4.26 23.84
CA HIS A 124 15.09 4.21 22.40
C HIS A 124 14.73 5.57 21.82
N GLN A 125 15.72 6.46 21.68
CA GLN A 125 15.47 7.83 21.25
C GLN A 125 16.13 8.16 19.92
N TRP A 126 16.66 7.17 19.20
CA TRP A 126 17.18 7.35 17.85
C TRP A 126 16.21 6.70 16.87
N TYR A 127 15.66 7.50 15.96
CA TYR A 127 14.52 7.08 15.15
C TYR A 127 14.85 7.06 13.67
N THR A 128 14.28 6.09 12.96
CA THR A 128 14.14 6.14 11.52
C THR A 128 12.66 5.94 11.19
N VAL A 129 12.13 6.82 10.34
CA VAL A 129 10.76 6.68 9.85
C VAL A 129 10.81 6.42 8.36
N LEU A 130 10.12 5.37 7.93
CA LEU A 130 10.00 5.02 6.51
C LEU A 130 8.54 4.99 6.12
N ASP A 131 8.26 5.39 4.89
CA ASP A 131 6.91 5.40 4.36
C ASP A 131 6.96 4.52 3.12
N LEU A 132 6.21 3.43 3.10
CA LEU A 132 6.25 2.54 1.95
C LEU A 132 5.39 3.12 0.84
N LYS A 133 5.95 3.14 -0.37
CA LYS A 133 5.27 3.70 -1.52
C LYS A 133 4.46 2.64 -2.24
N ASP A 134 3.23 3.01 -2.60
CA ASP A 134 2.31 2.14 -3.34
C ASP A 134 2.21 0.79 -2.66
N ALA A 135 2.00 0.83 -1.35
CA ALA A 135 2.07 -0.36 -0.51
C ALA A 135 1.04 -1.40 -0.92
N PHE A 136 -0.24 -0.99 -1.05
CA PHE A 136 -1.27 -1.98 -1.39
C PHE A 136 -0.95 -2.64 -2.70
N PHE A 137 -0.42 -1.87 -3.67
CA PHE A 137 -0.11 -2.45 -4.97
C PHE A 137 1.00 -3.49 -4.89
N CYS A 138 1.75 -3.56 -3.77
CA CYS A 138 2.74 -4.62 -3.65
C CYS A 138 2.12 -6.00 -3.44
N LEU A 139 0.88 -6.07 -2.96
CA LEU A 139 0.23 -7.34 -2.67
C LEU A 139 -0.60 -7.77 -3.88
N ARG A 140 -0.31 -8.97 -4.38
CA ARG A 140 -1.06 -9.52 -5.51
C ARG A 140 -2.45 -9.97 -5.08
N LEU A 141 -3.40 -9.86 -6.00
CA LEU A 141 -4.72 -10.46 -5.90
C LEU A 141 -4.75 -11.78 -6.66
N HIS A 142 -5.35 -12.79 -6.05
CA HIS A 142 -5.58 -14.04 -6.75
C HIS A 142 -6.47 -13.82 -7.98
N PRO A 143 -6.21 -14.49 -9.09
CA PRO A 143 -7.06 -14.28 -10.28
C PRO A 143 -8.54 -14.49 -10.03
N THR A 144 -8.93 -15.36 -9.10
CA THR A 144 -10.34 -15.57 -8.82
C THR A 144 -10.99 -14.34 -8.20
N SER A 145 -10.21 -13.50 -7.54
CA SER A 145 -10.72 -12.31 -6.87
C SER A 145 -10.55 -11.04 -7.70
N GLN A 146 -9.74 -11.08 -8.74
CA GLN A 146 -9.57 -9.89 -9.57
C GLN A 146 -10.87 -9.37 -10.18
N PRO A 147 -11.80 -10.20 -10.67
CA PRO A 147 -12.98 -9.63 -11.34
C PRO A 147 -13.84 -8.76 -10.44
N LEU A 148 -13.72 -8.95 -9.12
CA LEU A 148 -14.53 -8.19 -8.17
CA LEU A 148 -14.54 -8.18 -8.18
C LEU A 148 -14.38 -6.69 -8.35
N PHE A 149 -13.20 -6.24 -8.74
CA PHE A 149 -12.84 -4.83 -8.67
C PHE A 149 -12.88 -4.14 -10.03
N ALA A 150 -13.59 -4.69 -11.00
CA ALA A 150 -13.54 -4.17 -12.36
C ALA A 150 -14.27 -2.84 -12.49
N PHE A 151 -13.82 -2.04 -13.47
CA PHE A 151 -14.45 -0.77 -13.79
C PHE A 151 -14.35 -0.59 -15.30
N GLU A 152 -15.09 0.39 -15.81
CA GLU A 152 -15.12 0.64 -17.25
C GLU A 152 -14.05 1.65 -17.65
N TRP A 153 -13.40 1.40 -18.79
CA TRP A 153 -12.49 2.40 -19.32
C TRP A 153 -12.66 2.53 -20.83
N ARG A 154 -12.87 3.75 -21.29
CA ARG A 154 -13.01 4.04 -22.72
C ARG A 154 -12.00 5.10 -23.12
N ASP A 155 -11.50 4.96 -24.35
CA ASP A 155 -10.76 6.02 -25.03
C ASP A 155 -11.51 6.30 -26.32
N PRO A 156 -12.42 7.28 -26.32
CA PRO A 156 -13.26 7.53 -27.50
C PRO A 156 -12.47 7.82 -28.77
N GLU A 157 -11.22 8.27 -28.64
CA GLU A 157 -10.34 8.48 -29.78
C GLU A 157 -9.35 7.34 -29.98
N MET A 158 -9.54 6.23 -29.27
CA MET A 158 -8.77 5.02 -29.49
C MET A 158 -9.65 3.80 -29.69
N GLY A 159 -10.98 3.96 -29.63
CA GLY A 159 -11.90 2.89 -29.92
C GLY A 159 -12.18 1.94 -28.77
N ILE A 160 -11.18 1.73 -27.90
CA ILE A 160 -11.29 0.73 -26.84
C ILE A 160 -12.38 1.16 -25.85
N SER A 161 -13.37 0.30 -25.66
CA SER A 161 -14.40 0.49 -24.63
C SER A 161 -14.67 -0.87 -24.01
N GLY A 162 -14.11 -1.10 -22.84
CA GLY A 162 -14.29 -2.34 -22.12
C GLY A 162 -13.95 -2.12 -20.67
N GLN A 163 -13.80 -3.21 -19.94
CA GLN A 163 -13.45 -3.14 -18.53
C GLN A 163 -11.98 -3.39 -18.30
N LEU A 164 -11.47 -2.80 -17.21
CA LEU A 164 -10.17 -3.11 -16.63
C LEU A 164 -10.40 -3.60 -15.21
N THR A 165 -9.43 -4.34 -14.66
CA THR A 165 -9.46 -4.59 -13.22
C THR A 165 -8.05 -4.64 -12.69
N TRP A 166 -7.96 -4.74 -11.36
CA TRP A 166 -6.72 -4.69 -10.60
C TRP A 166 -6.15 -6.09 -10.43
N THR A 167 -4.83 -6.22 -10.57
CA THR A 167 -4.14 -7.46 -10.23
C THR A 167 -3.47 -7.39 -8.86
N ARG A 168 -3.61 -6.26 -8.18
CA ARG A 168 -3.04 -6.00 -6.87
C ARG A 168 -4.15 -5.49 -5.94
N LEU A 169 -3.91 -5.54 -4.64
CA LEU A 169 -4.84 -5.04 -3.65
C LEU A 169 -5.20 -3.57 -3.93
N PRO A 170 -6.48 -3.22 -4.12
CA PRO A 170 -6.81 -1.87 -4.61
C PRO A 170 -7.07 -0.84 -3.52
N GLN A 171 -6.86 0.42 -3.89
CA GLN A 171 -7.34 1.53 -3.07
C GLN A 171 -8.86 1.51 -3.00
N GLY A 172 -9.39 1.92 -1.85
CA GLY A 172 -10.82 2.06 -1.67
C GLY A 172 -11.53 0.78 -1.26
N PHE A 173 -10.80 -0.33 -1.20
CA PHE A 173 -11.32 -1.60 -0.71
C PHE A 173 -11.21 -1.63 0.80
N LYS A 174 -12.31 -2.01 1.48
CA LYS A 174 -12.40 -1.81 2.92
C LYS A 174 -11.35 -2.61 3.69
N ASN A 175 -10.90 -3.73 3.14
CA ASN A 175 -9.97 -4.57 3.87
C ASN A 175 -8.51 -4.36 3.48
N SER A 176 -8.20 -3.42 2.58
CA SER A 176 -6.80 -3.26 2.19
C SER A 176 -5.88 -2.89 3.33
N PRO A 177 -6.20 -1.92 4.20
CA PRO A 177 -5.25 -1.56 5.26
C PRO A 177 -4.93 -2.74 6.17
N THR A 178 -5.96 -3.48 6.60
CA THR A 178 -5.72 -4.60 7.49
C THR A 178 -4.94 -5.72 6.79
N LEU A 179 -5.34 -6.06 5.56
CA LEU A 179 -4.62 -7.11 4.84
C LEU A 179 -3.16 -6.72 4.62
N PHE A 180 -2.89 -5.45 4.30
CA PHE A 180 -1.51 -5.06 4.11
C PHE A 180 -0.73 -5.11 5.41
N ASP A 181 -1.33 -4.60 6.50
CA ASP A 181 -0.66 -4.61 7.80
C ASP A 181 -0.33 -6.03 8.21
N GLU A 182 -1.25 -6.96 7.99
CA GLU A 182 -1.00 -8.35 8.39
C GLU A 182 0.07 -8.97 7.51
N ALA A 183 0.06 -8.67 6.21
CA ALA A 183 1.07 -9.25 5.33
C ALA A 183 2.46 -8.74 5.69
N LEU A 184 2.61 -7.43 5.95
CA LEU A 184 3.92 -6.89 6.25
C LEU A 184 4.42 -7.43 7.59
N HIS A 185 3.51 -7.61 8.55
CA HIS A 185 3.88 -8.27 9.82
C HIS A 185 4.46 -9.67 9.57
N ARG A 186 3.82 -10.45 8.71
CA ARG A 186 4.39 -11.76 8.41
C ARG A 186 5.78 -11.63 7.81
N ASP A 187 5.95 -10.68 6.88
CA ASP A 187 7.23 -10.57 6.18
C ASP A 187 8.34 -9.99 7.06
N LEU A 188 8.00 -9.24 8.10
CA LEU A 188 9.00 -8.65 8.98
C LEU A 188 9.17 -9.42 10.27
N ALA A 189 8.49 -10.56 10.42
CA ALA A 189 8.59 -11.33 11.66
C ALA A 189 10.03 -11.78 11.92
N ASP A 190 10.74 -12.22 10.88
CA ASP A 190 12.10 -12.68 11.08
C ASP A 190 13.04 -11.52 11.42
N PHE A 191 12.81 -10.36 10.80
CA PHE A 191 13.61 -9.19 11.12
C PHE A 191 13.52 -8.86 12.62
N ARG A 192 12.31 -8.90 13.18
CA ARG A 192 12.16 -8.64 14.60
C ARG A 192 12.95 -9.66 15.43
N ILE A 193 12.96 -10.92 15.00
CA ILE A 193 13.68 -11.95 15.76
C ILE A 193 15.18 -11.73 15.69
N GLN A 194 15.68 -11.33 14.52
CA GLN A 194 17.12 -11.10 14.35
C GLN A 194 17.60 -9.80 14.97
N HIS A 195 16.69 -8.92 15.39
CA HIS A 195 17.07 -7.61 15.93
C HIS A 195 16.23 -7.32 17.17
N PRO A 196 16.39 -8.12 18.22
CA PRO A 196 15.53 -7.96 19.40
C PRO A 196 15.82 -6.70 20.20
N ASP A 197 16.95 -6.05 19.95
CA ASP A 197 17.25 -4.78 20.60
C ASP A 197 16.53 -3.60 19.96
N LEU A 198 15.97 -3.76 18.76
CA LEU A 198 15.30 -2.67 18.06
C LEU A 198 13.80 -2.71 18.30
N ILE A 199 13.19 -1.52 18.29
CA ILE A 199 11.75 -1.35 18.33
C ILE A 199 11.27 -1.03 16.92
N LEU A 200 10.27 -1.78 16.44
CA LEU A 200 9.69 -1.55 15.12
C LEU A 200 8.19 -1.41 15.27
N LEU A 201 7.68 -0.22 14.95
CA LEU A 201 6.24 0.06 14.96
C LEU A 201 5.74 0.06 13.52
N GLN A 202 4.67 -0.69 13.25
CA GLN A 202 4.05 -0.76 11.94
C GLN A 202 2.64 -0.20 12.01
N TYR A 203 2.35 0.78 11.15
CA TYR A 203 0.98 1.28 10.97
C TYR A 203 0.71 1.27 9.46
N VAL A 204 0.26 0.12 8.96
CA VAL A 204 0.03 -0.09 7.53
C VAL A 204 1.33 0.21 6.79
N ASP A 205 1.41 1.32 6.05
CA ASP A 205 2.61 1.60 5.27
C ASP A 205 3.58 2.56 5.98
N ASP A 206 3.31 2.92 7.23
CA ASP A 206 4.13 3.88 7.97
C ASP A 206 4.90 3.16 9.08
N LEU A 207 6.23 3.16 8.97
CA LEU A 207 7.11 2.38 9.84
C LEU A 207 7.98 3.28 10.69
N LEU A 208 8.15 2.93 11.97
CA LEU A 208 9.13 3.60 12.81
C LEU A 208 10.06 2.56 13.41
N LEU A 209 11.36 2.78 13.23
CA LEU A 209 12.40 1.96 13.86
C LEU A 209 13.06 2.82 14.92
N ALA A 210 13.23 2.25 16.12
CA ALA A 210 13.81 2.98 17.24
C ALA A 210 14.96 2.17 17.84
N ALA A 211 16.05 2.87 18.18
CA ALA A 211 17.27 2.23 18.63
C ALA A 211 17.85 2.99 19.82
N THR A 212 18.83 2.34 20.48
CA THR A 212 19.48 2.90 21.65
C THR A 212 20.47 4.00 21.31
N SER A 213 21.09 3.92 20.13
CA SER A 213 22.21 4.80 19.78
C SER A 213 22.18 5.08 18.29
N GLU A 214 22.87 6.15 17.90
CA GLU A 214 22.98 6.49 16.48
C GLU A 214 23.56 5.34 15.68
N LEU A 215 24.59 4.69 16.20
CA LEU A 215 25.20 3.56 15.50
C LEU A 215 24.21 2.42 15.34
N ASP A 216 23.52 2.04 16.42
CA ASP A 216 22.54 0.96 16.33
CA ASP A 216 22.54 0.96 16.35
C ASP A 216 21.40 1.32 15.39
N CYS A 217 20.98 2.59 15.40
CA CYS A 217 19.95 3.01 14.46
C CYS A 217 20.45 2.95 13.02
N GLN A 218 21.73 3.30 12.81
CA GLN A 218 22.30 3.23 11.47
C GLN A 218 22.36 1.79 10.98
N GLN A 219 22.83 0.88 11.84
CA GLN A 219 22.95 -0.51 11.44
C GLN A 219 21.58 -1.15 11.28
N GLY A 220 20.66 -0.83 12.19
CA GLY A 220 19.31 -1.39 12.09
C GLY A 220 18.57 -0.86 10.87
N THR A 221 18.77 0.41 10.54
CA THR A 221 18.14 0.98 9.35
C THR A 221 18.69 0.34 8.09
N ARG A 222 20.01 0.12 8.03
CA ARG A 222 20.59 -0.61 6.91
C ARG A 222 19.98 -1.99 6.78
N ALA A 223 19.80 -2.70 7.91
CA ALA A 223 19.23 -4.04 7.88
C ALA A 223 17.78 -4.02 7.43
N LEU A 224 17.01 -3.04 7.89
CA LEU A 224 15.59 -2.96 7.53
C LEU A 224 15.41 -2.61 6.06
N LEU A 225 16.19 -1.65 5.56
CA LEU A 225 16.09 -1.32 4.15
C LEU A 225 16.46 -2.53 3.28
N GLN A 226 17.55 -3.22 3.64
CA GLN A 226 17.94 -4.40 2.87
C GLN A 226 16.81 -5.43 2.85
N THR A 227 16.21 -5.67 4.01
CA THR A 227 15.13 -6.65 4.13
C THR A 227 13.89 -6.23 3.35
N LEU A 228 13.46 -4.97 3.51
CA LEU A 228 12.28 -4.49 2.77
C LEU A 228 12.47 -4.63 1.26
N GLY A 229 13.62 -4.18 0.75
CA GLY A 229 13.83 -4.26 -0.69
C GLY A 229 13.87 -5.69 -1.19
N ASN A 230 14.51 -6.56 -0.40
CA ASN A 230 14.59 -7.97 -0.77
C ASN A 230 13.20 -8.60 -0.82
N LEU A 231 12.32 -8.21 0.11
CA LEU A 231 10.98 -8.77 0.14
C LEU A 231 10.07 -8.19 -0.94
N GLY A 232 10.46 -7.09 -1.59
CA GLY A 232 9.66 -6.50 -2.64
C GLY A 232 8.92 -5.22 -2.28
N TYR A 233 9.17 -4.65 -1.11
CA TYR A 233 8.57 -3.39 -0.72
C TYR A 233 9.51 -2.24 -1.08
N ARG A 234 8.95 -1.03 -1.13
CA ARG A 234 9.71 0.14 -1.58
C ARG A 234 9.37 1.31 -0.67
N ALA A 235 10.41 1.96 -0.14
CA ALA A 235 10.23 3.10 0.74
C ALA A 235 10.54 4.39 -0.01
N SER A 236 9.90 5.49 0.42
CA SER A 236 10.09 6.80 -0.20
C SER A 236 11.42 7.38 0.27
N ALA A 237 12.39 7.50 -0.64
CA ALA A 237 13.64 8.16 -0.28
C ALA A 237 13.42 9.63 0.05
N LYS A 238 12.45 10.27 -0.62
CA LYS A 238 12.22 11.70 -0.39
C LYS A 238 11.72 11.96 1.02
N LYS A 239 10.80 11.14 1.51
CA LYS A 239 10.18 11.39 2.80
C LYS A 239 10.92 10.79 3.98
N ALA A 240 11.91 9.93 3.73
CA ALA A 240 12.55 9.18 4.80
C ALA A 240 13.22 10.10 5.81
N GLN A 241 13.06 9.78 7.09
CA GLN A 241 13.75 10.46 8.19
C GLN A 241 14.67 9.44 8.84
N ILE A 242 15.97 9.55 8.57
CA ILE A 242 16.93 8.50 8.87
C ILE A 242 17.80 8.92 10.04
N CYS A 243 17.81 8.11 11.10
CA CYS A 243 18.70 8.24 12.25
C CYS A 243 18.65 9.65 12.83
N GLN A 244 17.45 10.06 13.21
CA GLN A 244 17.21 11.35 13.83
C GLN A 244 16.74 11.16 15.26
N LYS A 245 17.08 12.13 16.12
CA LYS A 245 16.54 12.16 17.47
C LYS A 245 15.18 12.84 17.51
N GLN A 246 14.76 13.47 16.42
CA GLN A 246 13.48 14.13 16.29
C GLN A 246 12.86 13.72 14.97
N VAL A 247 11.64 13.15 15.01
CA VAL A 247 10.96 12.75 13.79
C VAL A 247 9.46 13.03 13.90
N LYS A 248 8.82 13.14 12.72
CA LYS A 248 7.37 13.18 12.61
C LYS A 248 6.88 11.79 12.21
N TYR A 249 5.99 11.21 13.01
CA TYR A 249 5.45 9.87 12.80
C TYR A 249 3.98 9.86 13.18
N LEU A 250 3.12 9.50 12.23
CA LEU A 250 1.68 9.36 12.46
C LEU A 250 1.07 10.64 13.04
N GLY A 251 1.53 11.78 12.56
CA GLY A 251 0.99 13.06 12.98
C GLY A 251 1.54 13.59 14.29
N TYR A 252 2.43 12.84 14.95
CA TYR A 252 3.09 13.28 16.16
C TYR A 252 4.50 13.77 15.86
N LEU A 253 4.97 14.74 16.63
CA LEU A 253 6.37 15.08 16.65
C LEU A 253 7.01 14.33 17.81
N LEU A 254 7.96 13.44 17.50
CA LEU A 254 8.62 12.63 18.51
C LEU A 254 9.91 13.33 18.91
N LYS A 255 9.92 13.93 20.10
CA LYS A 255 11.04 14.73 20.56
C LYS A 255 11.31 14.39 22.02
N GLU A 256 12.58 14.07 22.32
CA GLU A 256 13.05 13.67 23.64
C GLU A 256 12.02 12.88 24.44
N GLY A 257 11.54 11.78 23.86
CA GLY A 257 10.61 10.89 24.52
C GLY A 257 9.17 11.37 24.59
N GLN A 258 8.89 12.59 24.14
CA GLN A 258 7.55 13.16 24.28
C GLN A 258 6.68 12.82 23.08
N ARG A 259 5.38 12.71 23.37
CA ARG A 259 4.32 12.49 22.38
C ARG A 259 4.37 11.07 21.78
#